data_3Q19
#
_entry.id   3Q19
#
_cell.length_a   46.425
_cell.length_b   85.017
_cell.length_c   60.397
_cell.angle_alpha   90.00
_cell.angle_beta   94.55
_cell.angle_gamma   90.00
#
_symmetry.space_group_name_H-M   'P 1 21 1'
#
loop_
_entity.id
_entity.type
_entity.pdbx_description
1 polymer 'Glutathione S-transferase omega-2'
2 non-polymer GLUTATHIONE
3 non-polymer 'CHLORIDE ION'
4 water water
#
_entity_poly.entity_id   1
_entity_poly.type   'polypeptide(L)'
_entity_poly.pdbx_seq_one_letter_code
;MSGDATRTLGKGSQPPGPVPEGLIRIYSMRFCPYSHRTRLVLKAKDIRHEVVNINLRNKPEWYYTKHPFGHIPVLETSQS
QLIYESVIACEYLDDAYPGRKLFPYDPYERARQKMLLELFSKVPHLTKECLVALRSGRESTNLKAALRQEFSNLEEILEY
QNTTFFGGTSISMIDYLLWPWFERLDVYGILDCVSHTPALRLWISAMKWDPTVSALLMDKSIFQGFLNLYFQNNPNAFD
;
_entity_poly.pdbx_strand_id   A,B
#
loop_
_chem_comp.id
_chem_comp.type
_chem_comp.name
_chem_comp.formula
CL non-polymer 'CHLORIDE ION' 'Cl -1'
GSH non-polymer GLUTATHIONE 'C10 H17 N3 O6 S'
#
# COMPACT_ATOMS: atom_id res chain seq x y z
N ALA A 5 13.07 -21.64 -15.05
CA ALA A 5 13.71 -22.47 -16.11
C ALA A 5 12.99 -23.81 -16.35
N THR A 6 11.67 -23.84 -16.10
CA THR A 6 10.83 -25.01 -16.40
C THR A 6 9.52 -24.60 -17.07
N ARG A 7 8.84 -25.58 -17.67
CA ARG A 7 7.64 -25.35 -18.48
C ARG A 7 6.48 -24.74 -17.69
N THR A 8 5.57 -24.09 -18.42
CA THR A 8 4.49 -23.33 -17.80
C THR A 8 3.19 -24.11 -17.87
N LEU A 9 2.36 -23.96 -16.83
CA LEU A 9 1.08 -24.67 -16.75
C LEU A 9 -0.05 -23.81 -17.31
N GLY A 10 -0.80 -24.40 -18.24
CA GLY A 10 -1.93 -23.73 -18.87
C GLY A 10 -3.24 -24.46 -18.64
N LYS A 11 -4.23 -24.09 -19.44
CA LYS A 11 -5.57 -24.69 -19.40
C LYS A 11 -5.48 -26.19 -19.65
N GLY A 12 -6.17 -26.98 -18.83
CA GLY A 12 -6.13 -28.44 -18.94
C GLY A 12 -5.01 -29.12 -18.15
N SER A 13 -4.14 -28.34 -17.51
CA SER A 13 -3.11 -28.89 -16.60
C SER A 13 -3.75 -29.32 -15.29
N GLN A 14 -3.04 -30.12 -14.52
CA GLN A 14 -3.55 -30.63 -13.25
C GLN A 14 -3.13 -29.74 -12.08
N PRO A 15 -4.01 -29.62 -11.05
CA PRO A 15 -3.63 -28.83 -9.88
C PRO A 15 -2.39 -29.40 -9.19
N PRO A 16 -1.48 -28.51 -8.72
CA PRO A 16 -0.37 -29.03 -7.95
C PRO A 16 -0.86 -29.64 -6.63
N GLY A 17 -0.06 -30.54 -6.07
CA GLY A 17 -0.37 -31.10 -4.77
C GLY A 17 -0.01 -30.13 -3.66
N PRO A 18 -0.15 -30.57 -2.40
CA PRO A 18 0.16 -29.72 -1.26
C PRO A 18 1.64 -29.37 -1.19
N VAL A 19 1.97 -28.18 -0.69
CA VAL A 19 3.35 -27.73 -0.55
C VAL A 19 3.97 -28.52 0.60
N PRO A 20 5.12 -29.19 0.36
CA PRO A 20 5.72 -29.97 1.45
C PRO A 20 6.30 -29.10 2.58
N GLU A 21 6.27 -29.65 3.80
CA GLU A 21 6.80 -28.97 4.98
C GLU A 21 8.26 -28.61 4.73
N GLY A 22 8.61 -27.37 5.01
CA GLY A 22 9.97 -26.88 4.80
C GLY A 22 10.17 -26.21 3.45
N LEU A 23 9.16 -26.28 2.58
CA LEU A 23 9.14 -25.53 1.31
C LEU A 23 8.00 -24.51 1.34
N ILE A 24 8.17 -23.47 0.51
CA ILE A 24 7.10 -22.55 0.17
C ILE A 24 7.03 -22.45 -1.36
N ARG A 25 5.82 -22.31 -1.89
CA ARG A 25 5.61 -22.28 -3.33
C ARG A 25 5.31 -20.86 -3.80
N ILE A 26 5.85 -20.49 -4.96
CA ILE A 26 5.50 -19.25 -5.63
C ILE A 26 5.00 -19.52 -7.03
N TYR A 27 3.83 -18.97 -7.32
CA TYR A 27 3.25 -19.00 -8.62
C TYR A 27 3.73 -17.75 -9.34
N SER A 28 4.35 -17.96 -10.49
CA SER A 28 5.12 -16.95 -11.16
C SER A 28 4.91 -17.07 -12.67
N MET A 29 5.59 -16.20 -13.41
CA MET A 29 5.78 -16.35 -14.87
C MET A 29 7.16 -15.76 -15.16
N ARG A 30 7.94 -16.46 -16.00
CA ARG A 30 9.40 -16.21 -16.14
C ARG A 30 9.83 -14.77 -16.45
N PHE A 31 8.97 -14.02 -17.12
CA PHE A 31 9.27 -12.66 -17.52
C PHE A 31 8.36 -11.61 -16.90
N CYS A 32 7.63 -11.99 -15.84
CA CYS A 32 6.77 -11.06 -15.10
C CYS A 32 7.60 -10.32 -14.04
N PRO A 33 7.66 -8.97 -14.12
CA PRO A 33 8.47 -8.22 -13.15
C PRO A 33 7.94 -8.26 -11.72
N TYR A 34 6.63 -8.39 -11.56
CA TYR A 34 6.06 -8.43 -10.21
C TYR A 34 6.45 -9.72 -9.48
N SER A 35 6.53 -10.82 -10.22
CA SER A 35 6.96 -12.12 -9.68
C SER A 35 8.46 -12.10 -9.48
N HIS A 36 9.16 -11.44 -10.42
CA HIS A 36 10.63 -11.30 -10.32
C HIS A 36 10.97 -10.74 -8.95
N ARG A 37 10.26 -9.68 -8.61
CA ARG A 37 10.38 -9.04 -7.32
C ARG A 37 10.40 -10.05 -6.17
N THR A 38 9.37 -10.90 -6.13
CA THR A 38 9.24 -11.86 -5.04
C THR A 38 10.30 -12.96 -5.11
N ARG A 39 10.68 -13.36 -6.32
CA ARG A 39 11.73 -14.36 -6.48
C ARG A 39 13.08 -13.82 -5.99
N LEU A 40 13.35 -12.53 -6.19
CA LEU A 40 14.56 -11.91 -5.68
C LEU A 40 14.65 -12.06 -4.15
N VAL A 41 13.52 -11.79 -3.48
CA VAL A 41 13.47 -11.85 -2.02
C VAL A 41 13.66 -13.30 -1.54
N LEU A 42 12.96 -14.24 -2.16
CA LEU A 42 13.16 -15.66 -1.86
C LEU A 42 14.64 -16.04 -1.91
N LYS A 43 15.32 -15.66 -2.99
CA LYS A 43 16.73 -16.02 -3.18
C LYS A 43 17.67 -15.30 -2.21
N ALA A 44 17.44 -14.00 -2.02
CA ALA A 44 18.29 -13.19 -1.15
C ALA A 44 18.28 -13.70 0.30
N LYS A 45 17.13 -14.20 0.74
CA LYS A 45 17.00 -14.75 2.10
C LYS A 45 17.32 -16.26 2.18
N ASP A 46 17.72 -16.85 1.06
CA ASP A 46 18.08 -18.27 0.98
C ASP A 46 16.93 -19.17 1.41
N ILE A 47 15.72 -18.83 0.98
CA ILE A 47 14.51 -19.58 1.33
C ILE A 47 14.29 -20.71 0.34
N ARG A 48 14.04 -21.90 0.86
CA ARG A 48 13.81 -23.08 0.04
C ARG A 48 12.41 -22.95 -0.55
N HIS A 49 12.33 -22.94 -1.87
CA HIS A 49 11.06 -22.69 -2.54
C HIS A 49 11.03 -23.39 -3.88
N GLU A 50 9.81 -23.56 -4.39
CA GLU A 50 9.61 -23.99 -5.76
C GLU A 50 8.85 -22.89 -6.52
N VAL A 51 9.24 -22.73 -7.78
CA VAL A 51 8.61 -21.79 -8.67
C VAL A 51 7.72 -22.58 -9.61
N VAL A 52 6.42 -22.31 -9.57
CA VAL A 52 5.46 -22.89 -10.49
CA VAL A 52 5.48 -22.90 -10.50
C VAL A 52 5.01 -21.82 -11.49
N ASN A 53 5.43 -21.95 -12.74
CA ASN A 53 5.08 -20.96 -13.77
C ASN A 53 3.68 -21.20 -14.38
N ILE A 54 2.94 -20.10 -14.53
CA ILE A 54 1.56 -20.10 -14.99
C ILE A 54 1.45 -19.41 -16.36
N ASN A 55 0.67 -19.99 -17.27
CA ASN A 55 0.39 -19.40 -18.58
C ASN A 55 -0.67 -18.30 -18.48
N LEU A 56 -0.22 -17.04 -18.37
CA LEU A 56 -1.14 -15.90 -18.20
C LEU A 56 -2.13 -15.67 -19.36
N ARG A 57 -1.74 -16.04 -20.58
CA ARG A 57 -2.63 -15.88 -21.74
C ARG A 57 -3.64 -17.03 -21.86
N ASN A 58 -3.46 -18.08 -21.07
CA ASN A 58 -4.35 -19.24 -21.09
C ASN A 58 -4.29 -19.96 -19.73
N LYS A 59 -4.85 -19.30 -18.71
CA LYS A 59 -4.69 -19.72 -17.31
C LYS A 59 -5.35 -21.08 -17.03
N PRO A 60 -4.71 -21.89 -16.17
CA PRO A 60 -5.38 -23.09 -15.67
C PRO A 60 -6.66 -22.73 -14.92
N GLU A 61 -7.70 -23.54 -15.07
CA GLU A 61 -8.98 -23.27 -14.41
C GLU A 61 -8.80 -23.30 -12.88
N TRP A 62 -7.99 -24.25 -12.41
CA TRP A 62 -7.66 -24.36 -10.98
C TRP A 62 -6.92 -23.15 -10.40
N TYR A 63 -6.21 -22.39 -11.23
CA TYR A 63 -5.43 -21.26 -10.71
C TYR A 63 -6.29 -20.18 -10.04
N TYR A 64 -7.56 -20.10 -10.42
CA TYR A 64 -8.50 -19.16 -9.80
C TYR A 64 -8.90 -19.51 -8.35
N THR A 65 -8.48 -20.69 -7.88
CA THR A 65 -8.56 -21.01 -6.45
C THR A 65 -7.31 -20.51 -5.69
N LYS A 66 -6.30 -20.04 -6.44
CA LYS A 66 -5.09 -19.47 -5.84
C LYS A 66 -5.18 -17.94 -5.78
N HIS A 67 -5.71 -17.34 -6.83
CA HIS A 67 -6.05 -15.91 -6.85
C HIS A 67 -7.37 -15.70 -7.60
N PRO A 68 -8.35 -15.03 -6.97
CA PRO A 68 -9.69 -14.94 -7.56
C PRO A 68 -9.76 -14.34 -8.97
N PHE A 69 -8.73 -13.60 -9.36
CA PHE A 69 -8.63 -13.05 -10.72
C PHE A 69 -7.40 -13.55 -11.47
N GLY A 70 -6.86 -14.67 -11.01
CA GLY A 70 -5.71 -15.31 -11.66
C GLY A 70 -4.47 -14.44 -11.79
N HIS A 71 -4.21 -13.58 -10.80
CA HIS A 71 -2.99 -12.75 -10.80
C HIS A 71 -1.78 -13.49 -10.25
N ILE A 72 -0.60 -13.03 -10.66
CA ILE A 72 0.68 -13.44 -10.06
C ILE A 72 1.46 -12.22 -9.57
N PRO A 73 2.37 -12.39 -8.58
CA PRO A 73 2.70 -13.65 -7.91
C PRO A 73 1.74 -14.00 -6.77
N VAL A 74 1.69 -15.29 -6.44
CA VAL A 74 1.01 -15.80 -5.26
C VAL A 74 1.94 -16.77 -4.53
N LEU A 75 2.00 -16.64 -3.20
CA LEU A 75 2.72 -17.62 -2.37
C LEU A 75 1.70 -18.56 -1.76
N GLU A 76 2.03 -19.84 -1.79
CA GLU A 76 1.23 -20.88 -1.15
C GLU A 76 2.13 -21.64 -0.18
N THR A 77 1.69 -21.75 1.07
CA THR A 77 2.47 -22.33 2.15
C THR A 77 2.14 -23.81 2.40
N SER A 78 2.97 -24.48 3.20
CA SER A 78 2.71 -25.86 3.63
C SER A 78 1.44 -25.98 4.49
N GLN A 79 1.02 -24.86 5.09
CA GLN A 79 -0.23 -24.79 5.84
C GLN A 79 -1.46 -24.41 4.97
N SER A 80 -1.29 -24.49 3.65
CA SER A 80 -2.33 -24.13 2.66
C SER A 80 -2.77 -22.66 2.66
N GLN A 81 -1.95 -21.77 3.19
CA GLN A 81 -2.28 -20.35 3.22
C GLN A 81 -1.86 -19.71 1.90
N LEU A 82 -2.64 -18.76 1.41
CA LEU A 82 -2.31 -18.04 0.17
C LEU A 82 -2.01 -16.58 0.49
N ILE A 83 -0.91 -16.07 -0.06
CA ILE A 83 -0.42 -14.72 0.22
C ILE A 83 -0.09 -14.02 -1.10
N TYR A 84 -0.70 -12.86 -1.31
CA TYR A 84 -0.52 -12.10 -2.56
C TYR A 84 -0.85 -10.61 -2.31
N GLU A 85 -0.44 -9.68 -3.18
CA GLU A 85 0.38 -9.91 -4.32
C GLU A 85 1.84 -9.54 -3.94
N SER A 86 2.64 -9.00 -4.88
CA SER A 86 4.10 -8.98 -4.73
C SER A 86 4.60 -8.29 -3.48
N VAL A 87 4.03 -7.15 -3.11
CA VAL A 87 4.57 -6.38 -1.98
C VAL A 87 4.26 -7.07 -0.64
N ILE A 88 3.01 -7.47 -0.46
CA ILE A 88 2.57 -8.19 0.74
C ILE A 88 3.37 -9.50 0.89
N ALA A 89 3.63 -10.16 -0.24
CA ALA A 89 4.37 -11.41 -0.26
C ALA A 89 5.80 -11.18 0.20
N CYS A 90 6.42 -10.12 -0.31
CA CYS A 90 7.80 -9.80 0.02
C CYS A 90 7.94 -9.50 1.51
N GLU A 91 7.00 -8.72 2.04
CA GLU A 91 7.02 -8.39 3.46
CA GLU A 91 6.97 -8.39 3.47
C GLU A 91 6.80 -9.63 4.33
N TYR A 92 5.83 -10.46 3.95
CA TYR A 92 5.56 -11.71 4.65
CA TYR A 92 5.56 -11.72 4.65
C TYR A 92 6.83 -12.53 4.77
N LEU A 93 7.50 -12.71 3.63
CA LEU A 93 8.71 -13.52 3.56
C LEU A 93 9.81 -13.00 4.48
N ASP A 94 9.99 -11.67 4.52
CA ASP A 94 11.05 -11.07 5.34
C ASP A 94 10.77 -11.20 6.83
N ASP A 95 9.49 -11.19 7.19
CA ASP A 95 9.07 -11.32 8.57
C ASP A 95 8.96 -12.77 9.03
N ALA A 96 8.50 -13.66 8.16
CA ALA A 96 8.25 -15.06 8.53
C ALA A 96 9.53 -15.91 8.57
N TYR A 97 10.54 -15.53 7.80
CA TYR A 97 11.78 -16.31 7.70
C TYR A 97 12.98 -15.62 8.37
N PRO A 98 13.75 -16.39 9.17
CA PRO A 98 14.91 -15.81 9.86
C PRO A 98 16.16 -15.75 8.99
N GLY A 99 17.25 -15.25 9.55
CA GLY A 99 18.50 -15.13 8.82
C GLY A 99 18.67 -13.72 8.33
N ARG A 100 18.83 -13.56 7.02
CA ARG A 100 19.13 -12.26 6.45
C ARG A 100 17.85 -11.44 6.36
N LYS A 101 17.78 -10.37 7.16
CA LYS A 101 16.66 -9.45 7.15
CA LYS A 101 16.63 -9.47 7.11
C LYS A 101 16.92 -8.41 6.08
N LEU A 102 15.94 -8.19 5.20
CA LEU A 102 16.09 -7.26 4.09
C LEU A 102 15.52 -5.88 4.39
N PHE A 103 14.40 -5.81 5.11
CA PHE A 103 13.95 -4.53 5.67
C PHE A 103 14.84 -4.14 6.85
N PRO A 104 15.04 -2.83 7.07
CA PRO A 104 15.71 -2.40 8.27
C PRO A 104 14.91 -2.77 9.51
N TYR A 105 15.60 -2.98 10.63
CA TYR A 105 14.95 -3.23 11.92
C TYR A 105 14.29 -1.96 12.48
N ASP A 106 14.89 -0.81 12.18
CA ASP A 106 14.38 0.47 12.65
C ASP A 106 13.04 0.83 12.00
N PRO A 107 12.01 1.13 12.82
CA PRO A 107 10.68 1.47 12.32
C PRO A 107 10.62 2.63 11.34
N TYR A 108 11.34 3.71 11.62
CA TYR A 108 11.41 4.84 10.70
C TYR A 108 12.08 4.47 9.38
N GLU A 109 13.23 3.81 9.44
CA GLU A 109 13.91 3.44 8.19
C GLU A 109 13.05 2.49 7.37
N ARG A 110 12.34 1.59 8.03
CA ARG A 110 11.44 0.66 7.36
C ARG A 110 10.28 1.43 6.70
N ALA A 111 9.69 2.37 7.41
CA ALA A 111 8.61 3.21 6.86
C ALA A 111 9.09 4.02 5.67
N ARG A 112 10.33 4.49 5.73
CA ARG A 112 10.91 5.26 4.64
C ARG A 112 11.05 4.43 3.37
N GLN A 113 11.41 3.15 3.50
CA GLN A 113 11.51 2.27 2.34
C GLN A 113 10.13 2.08 1.69
N LYS A 114 9.09 1.99 2.51
CA LYS A 114 7.73 1.88 1.99
C LYS A 114 7.29 3.18 1.30
N MET A 115 7.78 4.31 1.80
CA MET A 115 7.48 5.60 1.17
C MET A 115 8.18 5.69 -0.19
N LEU A 116 9.40 5.18 -0.29
CA LEU A 116 10.12 5.09 -1.58
C LEU A 116 9.40 4.20 -2.58
N LEU A 117 8.90 3.06 -2.10
CA LEU A 117 8.06 2.17 -2.90
C LEU A 117 6.87 2.93 -3.48
N GLU A 118 6.21 3.76 -2.67
CA GLU A 118 5.05 4.54 -3.15
C GLU A 118 5.45 5.58 -4.20
N LEU A 119 6.59 6.22 -4.01
CA LEU A 119 7.13 7.21 -4.96
C LEU A 119 7.38 6.59 -6.34
N PHE A 120 7.73 5.31 -6.34
CA PHE A 120 8.00 4.51 -7.54
C PHE A 120 6.73 4.05 -8.27
N SER A 121 5.54 4.28 -7.70
CA SER A 121 4.32 3.56 -8.10
C SER A 121 3.88 3.71 -9.56
N LYS A 122 4.27 4.79 -10.24
CA LYS A 122 3.93 4.99 -11.66
C LYS A 122 4.88 4.27 -12.62
N VAL A 123 6.07 3.90 -12.15
CA VAL A 123 7.11 3.36 -13.01
C VAL A 123 6.73 2.06 -13.74
N PRO A 124 6.24 1.03 -13.01
CA PRO A 124 5.84 -0.19 -13.71
C PRO A 124 4.93 -0.01 -14.93
N HIS A 125 3.86 0.76 -14.78
CA HIS A 125 2.91 0.97 -15.87
C HIS A 125 3.54 1.79 -17.01
N LEU A 126 4.34 2.80 -16.66
CA LEU A 126 5.00 3.62 -17.68
C LEU A 126 6.02 2.84 -18.49
N THR A 127 6.78 1.96 -17.84
CA THR A 127 7.74 1.15 -18.56
C THR A 127 7.04 0.24 -19.56
N LYS A 128 5.94 -0.38 -19.12
CA LYS A 128 5.16 -1.25 -19.98
C LYS A 128 4.61 -0.49 -21.20
N GLU A 129 4.00 0.66 -20.94
CA GLU A 129 3.50 1.53 -22.02
C GLU A 129 4.59 1.98 -22.99
N CYS A 130 5.79 2.25 -22.48
CA CYS A 130 6.91 2.60 -23.35
C CYS A 130 7.27 1.43 -24.27
N LEU A 131 7.35 0.23 -23.69
CA LEU A 131 7.60 -0.98 -24.48
C LEU A 131 6.56 -1.13 -25.60
N VAL A 132 5.28 -1.11 -25.22
CA VAL A 132 4.17 -1.28 -26.16
C VAL A 132 4.19 -0.23 -27.27
N ALA A 133 4.50 1.01 -26.93
CA ALA A 133 4.60 2.09 -27.91
C ALA A 133 5.73 1.86 -28.91
N LEU A 134 6.93 1.60 -28.40
CA LEU A 134 8.12 1.36 -29.24
C LEU A 134 7.99 0.11 -30.12
N ARG A 135 7.33 -0.91 -29.60
CA ARG A 135 7.14 -2.16 -30.34
C ARG A 135 6.06 -2.04 -31.41
N SER A 136 5.00 -1.26 -31.14
CA SER A 136 3.91 -1.07 -32.10
C SER A 136 4.12 0.13 -33.04
N GLY A 137 5.19 0.88 -32.83
CA GLY A 137 5.50 2.03 -33.67
C GLY A 137 4.64 3.26 -33.40
N ARG A 138 4.21 3.42 -32.15
CA ARG A 138 3.33 4.52 -31.76
C ARG A 138 4.12 5.62 -31.04
N GLU A 139 3.46 6.74 -30.77
CA GLU A 139 4.08 7.86 -30.07
C GLU A 139 4.65 7.44 -28.72
N SER A 140 5.84 7.96 -28.39
CA SER A 140 6.49 7.62 -27.12
C SER A 140 7.31 8.75 -26.46
N THR A 141 7.38 9.93 -27.09
CA THR A 141 8.12 11.08 -26.54
C THR A 141 7.58 11.45 -25.16
N ASN A 142 6.26 11.50 -25.03
CA ASN A 142 5.61 11.94 -23.80
C ASN A 142 5.67 10.87 -22.72
N LEU A 143 5.54 9.60 -23.11
CA LEU A 143 5.68 8.49 -22.17
C LEU A 143 7.11 8.45 -21.60
N LYS A 144 8.11 8.62 -22.47
CA LYS A 144 9.51 8.67 -22.05
C LYS A 144 9.81 9.87 -21.14
N ALA A 145 9.22 11.03 -21.46
CA ALA A 145 9.40 12.22 -20.63
C ALA A 145 8.81 12.03 -19.23
N ALA A 146 7.65 11.36 -19.17
CA ALA A 146 7.02 11.03 -17.89
C ALA A 146 7.89 10.05 -17.09
N LEU A 147 8.46 9.07 -17.76
CA LEU A 147 9.35 8.12 -17.10
C LEU A 147 10.62 8.83 -16.60
N ARG A 148 11.21 9.70 -17.43
CA ARG A 148 12.37 10.48 -17.01
C ARG A 148 12.09 11.30 -15.77
N GLN A 149 10.86 11.80 -15.63
CA GLN A 149 10.47 12.60 -14.46
C GLN A 149 10.40 11.76 -13.19
N GLU A 150 9.87 10.55 -13.29
CA GLU A 150 9.82 9.65 -12.13
C GLU A 150 11.24 9.24 -11.73
N PHE A 151 12.08 9.02 -12.74
CA PHE A 151 13.48 8.66 -12.50
C PHE A 151 14.25 9.83 -11.90
N SER A 152 13.89 11.07 -12.25
CA SER A 152 14.46 12.25 -11.59
C SER A 152 14.13 12.33 -10.09
N ASN A 153 12.91 11.93 -9.75
CA ASN A 153 12.52 11.84 -8.33
C ASN A 153 13.39 10.85 -7.56
N LEU A 154 13.70 9.70 -8.19
CA LEU A 154 14.56 8.71 -7.58
C LEU A 154 16.01 9.21 -7.51
N GLU A 155 16.49 9.83 -8.58
CA GLU A 155 17.83 10.42 -8.63
C GLU A 155 18.01 11.36 -7.44
N GLU A 156 17.04 12.24 -7.25
CA GLU A 156 17.08 13.24 -6.17
C GLU A 156 17.31 12.59 -4.80
N ILE A 157 16.65 11.48 -4.56
CA ILE A 157 16.81 10.72 -3.31
C ILE A 157 18.24 10.20 -3.12
N LEU A 158 18.77 9.55 -4.15
CA LEU A 158 20.13 9.02 -4.08
C LEU A 158 21.13 10.16 -3.92
N GLU A 159 20.90 11.25 -4.63
CA GLU A 159 21.80 12.40 -4.56
C GLU A 159 21.75 13.09 -3.20
N TYR A 160 20.56 13.26 -2.64
CA TYR A 160 20.41 13.84 -1.31
C TYR A 160 21.05 12.96 -0.22
N GLN A 161 20.76 11.66 -0.28
CA GLN A 161 21.29 10.71 0.71
C GLN A 161 22.79 10.52 0.59
N ASN A 162 23.29 10.60 -0.65
CA ASN A 162 24.68 10.33 -0.96
C ASN A 162 25.09 8.93 -0.50
N THR A 163 24.26 7.96 -0.87
CA THR A 163 24.55 6.55 -0.67
C THR A 163 24.31 5.81 -2.00
N THR A 164 24.93 4.66 -2.15
CA THR A 164 24.85 3.90 -3.39
C THR A 164 23.46 3.35 -3.63
N PHE A 165 22.84 2.85 -2.56
CA PHE A 165 21.54 2.19 -2.61
C PHE A 165 20.47 3.06 -1.96
N PHE A 166 19.21 2.70 -2.18
CA PHE A 166 18.09 3.52 -1.71
C PHE A 166 17.92 3.48 -0.18
N GLY A 167 18.38 2.40 0.47
CA GLY A 167 18.32 2.27 1.93
C GLY A 167 19.63 2.56 2.67
N GLY A 168 20.66 2.98 1.94
CA GLY A 168 21.98 3.25 2.53
C GLY A 168 23.12 2.67 1.72
N THR A 169 24.17 2.26 2.42
CA THR A 169 25.44 1.88 1.79
C THR A 169 25.45 0.44 1.31
N SER A 170 24.49 -0.36 1.78
CA SER A 170 24.34 -1.72 1.28
C SER A 170 22.91 -1.96 0.80
N ILE A 171 22.78 -2.99 -0.02
CA ILE A 171 21.52 -3.38 -0.63
C ILE A 171 20.54 -3.81 0.46
N SER A 172 19.26 -3.50 0.26
CA SER A 172 18.20 -3.89 1.19
C SER A 172 16.88 -4.07 0.44
N MET A 173 15.80 -4.36 1.17
CA MET A 173 14.51 -4.70 0.54
C MET A 173 14.12 -3.75 -0.59
N ILE A 174 14.16 -2.44 -0.33
CA ILE A 174 13.70 -1.45 -1.30
C ILE A 174 14.39 -1.63 -2.66
N ASP A 175 15.68 -1.88 -2.67
CA ASP A 175 16.40 -2.02 -3.94
C ASP A 175 15.86 -3.21 -4.74
N TYR A 176 15.61 -4.34 -4.07
CA TYR A 176 15.07 -5.52 -4.74
C TYR A 176 13.64 -5.30 -5.24
N LEU A 177 12.84 -4.51 -4.50
CA LEU A 177 11.47 -4.21 -4.94
C LEU A 177 11.43 -3.34 -6.21
N LEU A 178 12.46 -2.53 -6.43
CA LEU A 178 12.53 -1.68 -7.62
C LEU A 178 13.21 -2.36 -8.80
N TRP A 179 14.16 -3.26 -8.53
CA TRP A 179 15.05 -3.77 -9.57
C TRP A 179 14.40 -4.31 -10.87
N PRO A 180 13.32 -5.11 -10.76
CA PRO A 180 12.82 -5.77 -11.99
C PRO A 180 12.63 -4.84 -13.21
N TRP A 181 12.09 -3.66 -12.98
CA TRP A 181 11.80 -2.73 -14.06
C TRP A 181 13.07 -2.09 -14.61
N PHE A 182 14.08 -1.92 -13.76
CA PHE A 182 15.38 -1.41 -14.22
C PHE A 182 16.19 -2.43 -15.02
N GLU A 183 16.09 -3.71 -14.66
CA GLU A 183 16.71 -4.77 -15.45
C GLU A 183 16.20 -4.73 -16.90
N ARG A 184 14.92 -4.42 -17.02
CA ARG A 184 14.20 -4.47 -18.28
C ARG A 184 14.41 -3.26 -19.21
N LEU A 185 15.00 -2.16 -18.72
CA LEU A 185 15.16 -0.94 -19.53
C LEU A 185 15.92 -1.21 -20.82
N ASP A 186 17.01 -1.96 -20.71
CA ASP A 186 17.85 -2.35 -21.84
C ASP A 186 17.00 -3.01 -22.93
N VAL A 187 16.46 -4.20 -22.64
CA VAL A 187 15.66 -4.93 -23.62
C VAL A 187 14.43 -4.14 -24.09
N TYR A 188 13.85 -3.33 -23.21
CA TYR A 188 12.71 -2.48 -23.57
C TYR A 188 13.10 -1.33 -24.53
N GLY A 189 14.39 -1.01 -24.62
CA GLY A 189 14.89 0.05 -25.50
C GLY A 189 14.75 1.44 -24.91
N ILE A 190 14.69 1.52 -23.58
CA ILE A 190 14.47 2.79 -22.89
C ILE A 190 15.58 3.10 -21.89
N LEU A 191 16.77 2.58 -22.15
CA LEU A 191 17.93 2.91 -21.33
C LEU A 191 18.21 4.42 -21.41
N ASP A 192 17.89 5.03 -22.54
CA ASP A 192 18.03 6.48 -22.71
C ASP A 192 17.23 7.31 -21.69
N CYS A 193 16.28 6.67 -20.99
CA CYS A 193 15.51 7.36 -19.94
C CYS A 193 16.25 7.54 -18.62
N VAL A 194 17.45 6.94 -18.49
CA VAL A 194 18.35 7.21 -17.36
C VAL A 194 19.62 7.96 -17.78
N SER A 195 19.63 8.59 -18.96
CA SER A 195 20.81 9.33 -19.43
C SER A 195 21.07 10.63 -18.67
N HIS A 196 20.11 11.08 -17.87
CA HIS A 196 20.20 12.34 -17.11
C HIS A 196 20.35 12.12 -15.60
N THR A 197 20.47 10.86 -15.19
CA THR A 197 20.40 10.49 -13.78
C THR A 197 21.62 9.65 -13.42
N PRO A 198 22.78 10.30 -13.15
CA PRO A 198 24.03 9.54 -12.97
C PRO A 198 24.10 8.64 -11.73
N ALA A 199 23.51 9.06 -10.61
CA ALA A 199 23.51 8.20 -9.43
C ALA A 199 22.67 6.93 -9.69
N LEU A 200 21.63 7.09 -10.50
CA LEU A 200 20.74 5.99 -10.83
C LEU A 200 21.42 4.95 -11.72
N ARG A 201 22.21 5.43 -12.69
CA ARG A 201 23.06 4.54 -13.51
C ARG A 201 24.11 3.81 -12.66
N LEU A 202 24.73 4.50 -11.69
CA LEU A 202 25.66 3.82 -10.77
C LEU A 202 24.94 2.71 -9.99
N TRP A 203 23.72 3.00 -9.57
CA TRP A 203 22.90 2.05 -8.81
C TRP A 203 22.57 0.84 -9.65
N ILE A 204 22.27 1.04 -10.93
CA ILE A 204 21.99 -0.07 -11.85
C ILE A 204 23.18 -1.04 -11.86
N SER A 205 24.39 -0.49 -11.98
CA SER A 205 25.60 -1.30 -11.93
C SER A 205 25.75 -2.03 -10.58
N ALA A 206 25.61 -1.30 -9.48
CA ALA A 206 25.68 -1.89 -8.13
C ALA A 206 24.73 -3.08 -7.99
N MET A 207 23.52 -2.92 -8.55
CA MET A 207 22.52 -3.98 -8.51
C MET A 207 22.95 -5.19 -9.32
N LYS A 208 23.44 -4.99 -10.54
CA LYS A 208 23.90 -6.10 -11.36
C LYS A 208 25.08 -6.87 -10.74
N TRP A 209 25.89 -6.19 -9.93
CA TRP A 209 26.99 -6.84 -9.20
C TRP A 209 26.54 -7.62 -7.95
N ASP A 210 25.31 -7.40 -7.50
CA ASP A 210 24.78 -8.14 -6.33
C ASP A 210 24.58 -9.62 -6.69
N PRO A 211 24.99 -10.55 -5.79
CA PRO A 211 24.90 -11.97 -6.14
C PRO A 211 23.47 -12.46 -6.44
N THR A 212 22.49 -11.99 -5.69
CA THR A 212 21.11 -12.42 -5.90
C THR A 212 20.56 -11.89 -7.24
N VAL A 213 20.79 -10.61 -7.50
CA VAL A 213 20.38 -9.99 -8.75
C VAL A 213 21.03 -10.73 -9.92
N SER A 214 22.34 -10.93 -9.80
CA SER A 214 23.11 -11.58 -10.85
C SER A 214 22.64 -13.02 -11.11
N ALA A 215 22.29 -13.75 -10.04
CA ALA A 215 21.82 -15.13 -10.19
C ALA A 215 20.49 -15.24 -10.95
N LEU A 216 19.62 -14.23 -10.82
CA LEU A 216 18.31 -14.23 -11.47
C LEU A 216 18.29 -13.41 -12.78
N LEU A 217 19.44 -12.84 -13.14
CA LEU A 217 19.53 -11.93 -14.28
C LEU A 217 19.15 -12.68 -15.56
N MET A 218 18.14 -12.18 -16.26
CA MET A 218 17.68 -12.80 -17.49
C MET A 218 18.78 -12.72 -18.55
N ASP A 219 18.85 -13.75 -19.39
CA ASP A 219 19.72 -13.72 -20.55
C ASP A 219 19.08 -12.79 -21.58
N LYS A 220 19.83 -11.78 -22.03
CA LYS A 220 19.29 -10.74 -22.91
C LYS A 220 18.67 -11.28 -24.21
N SER A 221 19.35 -12.23 -24.86
CA SER A 221 18.85 -12.77 -26.12
C SER A 221 17.60 -13.65 -25.91
N ILE A 222 17.54 -14.36 -24.78
CA ILE A 222 16.38 -15.18 -24.43
C ILE A 222 15.15 -14.30 -24.17
N PHE A 223 15.36 -13.22 -23.42
CA PHE A 223 14.32 -12.25 -23.10
C PHE A 223 13.87 -11.50 -24.36
N GLN A 224 14.83 -11.10 -25.18
CA GLN A 224 14.56 -10.52 -26.49
C GLN A 224 13.63 -11.45 -27.29
N GLY A 225 13.99 -12.74 -27.32
CA GLY A 225 13.22 -13.76 -28.03
C GLY A 225 11.81 -13.99 -27.49
N PHE A 226 11.65 -13.87 -26.18
CA PHE A 226 10.32 -13.95 -25.56
C PHE A 226 9.40 -12.84 -26.07
N LEU A 227 9.90 -11.61 -26.05
CA LEU A 227 9.10 -10.43 -26.40
C LEU A 227 8.63 -10.38 -27.87
N ASN A 228 9.06 -11.34 -28.68
CA ASN A 228 8.54 -11.48 -30.04
C ASN A 228 7.15 -12.13 -30.05
N ARG B 7 -7.34 24.88 15.95
CA ARG B 7 -7.86 25.58 14.73
C ARG B 7 -7.03 25.23 13.49
N THR B 8 -7.72 25.12 12.35
CA THR B 8 -7.07 24.73 11.10
CA THR B 8 -7.10 24.75 11.09
C THR B 8 -6.18 25.86 10.56
N LEU B 9 -4.97 25.49 10.14
CA LEU B 9 -4.02 26.44 9.55
C LEU B 9 -4.15 26.41 8.04
N GLY B 10 -3.98 27.57 7.42
CA GLY B 10 -4.05 27.72 5.99
C GLY B 10 -3.07 28.75 5.47
N LYS B 11 -3.28 29.16 4.22
CA LYS B 11 -2.48 30.22 3.60
C LYS B 11 -2.38 31.43 4.53
N GLY B 12 -1.14 31.81 4.84
CA GLY B 12 -0.89 32.93 5.73
C GLY B 12 -0.47 32.56 7.14
N SER B 13 -0.82 31.35 7.57
CA SER B 13 -0.43 30.85 8.90
C SER B 13 1.09 30.63 8.96
N GLN B 14 1.69 30.88 10.12
CA GLN B 14 3.12 30.64 10.29
C GLN B 14 3.34 29.15 10.50
N PRO B 15 4.56 28.66 10.18
CA PRO B 15 4.87 27.26 10.47
C PRO B 15 4.77 26.99 11.96
N PRO B 16 4.32 25.78 12.35
CA PRO B 16 4.43 25.43 13.76
C PRO B 16 5.91 25.21 14.09
N GLY B 17 6.26 25.27 15.37
CA GLY B 17 7.64 25.08 15.77
C GLY B 17 8.04 23.62 15.68
N PRO B 18 9.28 23.30 16.07
CA PRO B 18 9.69 21.90 16.11
C PRO B 18 8.80 21.10 17.06
N VAL B 19 8.68 19.80 16.82
CA VAL B 19 7.85 18.93 17.64
C VAL B 19 8.56 18.66 18.96
N PRO B 20 7.90 18.95 20.10
CA PRO B 20 8.53 18.73 21.40
C PRO B 20 9.02 17.30 21.62
N GLU B 21 10.11 17.17 22.36
CA GLU B 21 10.60 15.87 22.79
C GLU B 21 9.50 15.17 23.59
N GLY B 22 9.26 13.90 23.27
CA GLY B 22 8.22 13.11 23.96
C GLY B 22 6.84 13.19 23.33
N LEU B 23 6.73 13.91 22.21
CA LEU B 23 5.50 14.02 21.45
C LEU B 23 5.78 13.64 20.00
N ILE B 24 4.74 13.21 19.31
CA ILE B 24 4.73 13.10 17.86
C ILE B 24 3.60 14.03 17.37
N ARG B 25 3.77 14.59 16.17
CA ARG B 25 2.77 15.48 15.61
C ARG B 25 2.07 14.79 14.45
N ILE B 26 0.76 14.97 14.35
CA ILE B 26 0.03 14.58 13.16
C ILE B 26 -0.62 15.79 12.47
N TYR B 27 -0.38 15.89 11.17
CA TYR B 27 -1.05 16.87 10.33
C TYR B 27 -2.31 16.19 9.80
N SER B 28 -3.45 16.84 9.98
CA SER B 28 -4.73 16.20 9.78
C SER B 28 -5.76 17.24 9.30
N MET B 29 -7.00 16.80 9.20
CA MET B 29 -8.13 17.70 9.01
C MET B 29 -9.32 16.97 9.62
N ARG B 30 -10.14 17.72 10.35
CA ARG B 30 -11.15 17.17 11.26
C ARG B 30 -12.10 16.14 10.63
N PHE B 31 -12.42 16.31 9.34
CA PHE B 31 -13.39 15.45 8.65
C PHE B 31 -12.78 14.57 7.54
N CYS B 32 -11.45 14.49 7.48
CA CYS B 32 -10.76 13.64 6.50
C CYS B 32 -10.66 12.20 7.01
N PRO B 33 -11.22 11.21 6.28
CA PRO B 33 -11.23 9.83 6.78
C PRO B 33 -9.86 9.16 6.82
N TYR B 34 -8.96 9.58 5.95
CA TYR B 34 -7.61 9.03 5.93
C TYR B 34 -6.82 9.40 7.18
N SER B 35 -6.91 10.65 7.60
CA SER B 35 -6.25 11.11 8.81
C SER B 35 -6.97 10.57 10.05
N HIS B 36 -8.25 10.30 9.93
CA HIS B 36 -9.03 9.66 11.01
C HIS B 36 -8.44 8.26 11.33
N ARG B 37 -8.06 7.50 10.30
CA ARG B 37 -7.37 6.22 10.51
C ARG B 37 -6.24 6.35 11.48
N THR B 38 -5.35 7.28 11.18
CA THR B 38 -4.12 7.44 11.91
C THR B 38 -4.39 8.00 13.31
N ARG B 39 -5.38 8.88 13.44
CA ARG B 39 -5.78 9.39 14.76
C ARG B 39 -6.32 8.28 15.68
N LEU B 40 -7.04 7.32 15.10
CA LEU B 40 -7.51 6.15 15.88
C LEU B 40 -6.32 5.35 16.40
N VAL B 41 -5.32 5.13 15.54
CA VAL B 41 -4.17 4.33 15.93
C VAL B 41 -3.40 5.03 17.06
N LEU B 42 -3.22 6.34 16.95
CA LEU B 42 -2.56 7.14 17.99
C LEU B 42 -3.30 7.01 19.32
N LYS B 43 -4.60 7.12 19.29
CA LYS B 43 -5.42 7.06 20.51
C LYS B 43 -5.45 5.64 21.07
N ALA B 44 -5.66 4.66 20.20
CA ALA B 44 -5.70 3.25 20.62
C ALA B 44 -4.41 2.80 21.32
N LYS B 45 -3.29 3.38 20.92
CA LYS B 45 -2.01 3.02 21.52
C LYS B 45 -1.58 3.94 22.65
N ASP B 46 -2.46 4.88 23.00
CA ASP B 46 -2.20 5.81 24.09
C ASP B 46 -0.92 6.60 23.81
N ILE B 47 -0.69 6.93 22.54
CA ILE B 47 0.49 7.69 22.16
C ILE B 47 0.23 9.17 22.38
N ARG B 48 1.18 9.83 23.03
CA ARG B 48 1.12 11.27 23.28
CA ARG B 48 1.08 11.26 23.27
C ARG B 48 1.36 12.00 21.97
N HIS B 49 0.39 12.80 21.54
CA HIS B 49 0.50 13.49 20.27
C HIS B 49 -0.22 14.82 20.27
N GLU B 50 0.14 15.64 19.28
CA GLU B 50 -0.57 16.86 18.98
C GLU B 50 -1.06 16.81 17.54
N VAL B 51 -2.26 17.34 17.34
CA VAL B 51 -2.87 17.43 16.03
C VAL B 51 -2.75 18.86 15.50
N VAL B 52 -2.26 18.99 14.26
CA VAL B 52 -2.26 20.25 13.55
C VAL B 52 -3.18 20.08 12.34
N ASN B 53 -4.31 20.77 12.36
CA ASN B 53 -5.26 20.68 11.27
C ASN B 53 -4.88 21.63 10.16
N ILE B 54 -5.12 21.20 8.92
CA ILE B 54 -4.73 21.92 7.72
C ILE B 54 -5.96 22.21 6.87
N ASN B 55 -6.03 23.42 6.36
CA ASN B 55 -7.07 23.85 5.44
C ASN B 55 -6.67 23.32 4.06
N LEU B 56 -7.37 22.29 3.61
CA LEU B 56 -7.02 21.59 2.35
C LEU B 56 -7.31 22.42 1.09
N ARG B 57 -8.31 23.30 1.14
CA ARG B 57 -8.61 24.17 0.01
C ARG B 57 -7.64 25.36 -0.10
N ASN B 58 -7.11 25.80 1.04
CA ASN B 58 -6.25 26.97 1.10
C ASN B 58 -5.04 26.66 1.99
N LYS B 59 -4.20 25.76 1.50
CA LYS B 59 -3.08 25.23 2.31
C LYS B 59 -2.04 26.29 2.63
N PRO B 60 -1.36 26.14 3.79
CA PRO B 60 -0.16 26.96 4.05
C PRO B 60 0.95 26.59 3.05
N GLU B 61 1.66 27.58 2.51
CA GLU B 61 2.72 27.30 1.54
C GLU B 61 3.85 26.47 2.16
N TRP B 62 4.14 26.67 3.44
CA TRP B 62 5.10 25.80 4.14
C TRP B 62 4.68 24.33 4.24
N TYR B 63 3.38 24.03 4.08
CA TYR B 63 2.91 22.67 4.22
C TYR B 63 3.46 21.74 3.12
N TYR B 64 3.83 22.30 1.97
CA TYR B 64 4.42 21.48 0.91
C TYR B 64 5.81 20.96 1.28
N THR B 65 6.37 21.45 2.39
CA THR B 65 7.61 20.89 2.95
C THR B 65 7.34 19.68 3.87
N LYS B 66 6.09 19.43 4.22
CA LYS B 66 5.73 18.25 5.00
C LYS B 66 5.25 17.12 4.09
N HIS B 67 4.46 17.47 3.08
CA HIS B 67 4.12 16.54 2.00
C HIS B 67 4.25 17.26 0.67
N PRO B 68 4.94 16.66 -0.31
CA PRO B 68 5.21 17.34 -1.59
C PRO B 68 3.97 17.79 -2.39
N PHE B 69 2.86 17.07 -2.26
CA PHE B 69 1.59 17.47 -2.86
C PHE B 69 0.58 17.93 -1.82
N GLY B 70 1.06 18.24 -0.62
CA GLY B 70 0.20 18.69 0.46
C GLY B 70 -0.90 17.72 0.87
N HIS B 71 -0.64 16.42 0.77
CA HIS B 71 -1.59 15.44 1.29
C HIS B 71 -1.48 15.33 2.81
N ILE B 72 -2.56 14.90 3.42
CA ILE B 72 -2.61 14.48 4.81
C ILE B 72 -3.12 13.04 4.85
N PRO B 73 -2.85 12.30 5.95
CA PRO B 73 -2.05 12.70 7.12
C PRO B 73 -0.55 12.58 6.92
N VAL B 74 0.20 13.35 7.69
CA VAL B 74 1.66 13.26 7.78
C VAL B 74 2.02 13.22 9.26
N LEU B 75 2.93 12.33 9.65
CA LEU B 75 3.48 12.35 11.00
C LEU B 75 4.81 13.08 10.96
N GLU B 76 5.07 13.89 11.98
CA GLU B 76 6.32 14.57 12.14
C GLU B 76 6.87 14.29 13.54
N THR B 77 8.08 13.76 13.60
CA THR B 77 8.70 13.38 14.87
C THR B 77 9.53 14.51 15.45
N SER B 78 9.91 14.34 16.71
CA SER B 78 10.82 15.28 17.38
C SER B 78 12.22 15.30 16.78
N GLN B 79 12.55 14.30 15.94
CA GLN B 79 13.81 14.29 15.19
C GLN B 79 13.61 14.81 13.75
N SER B 80 12.49 15.50 13.52
CA SER B 80 12.16 16.13 12.24
C SER B 80 11.93 15.15 11.08
N GLN B 81 11.60 13.91 11.40
CA GLN B 81 11.33 12.88 10.39
C GLN B 81 9.87 12.98 9.97
N LEU B 82 9.60 12.70 8.70
CA LEU B 82 8.24 12.75 8.15
C LEU B 82 7.77 11.38 7.66
N ILE B 83 6.57 10.98 8.09
CA ILE B 83 6.00 9.70 7.70
C ILE B 83 4.58 9.88 7.14
N TYR B 84 4.35 9.32 5.96
CA TYR B 84 3.03 9.42 5.33
C TYR B 84 2.90 8.31 4.27
N GLU B 85 1.70 8.04 3.77
CA GLU B 85 0.47 8.64 4.19
C GLU B 85 -0.15 7.68 5.21
N SER B 86 -1.48 7.51 5.23
CA SER B 86 -2.17 6.92 6.39
C SER B 86 -1.76 5.48 6.72
N VAL B 87 -1.62 4.62 5.71
CA VAL B 87 -1.31 3.23 6.01
C VAL B 87 0.11 3.07 6.54
N ILE B 88 1.06 3.68 5.85
CA ILE B 88 2.45 3.67 6.27
C ILE B 88 2.59 4.32 7.68
N ALA B 89 1.87 5.41 7.92
CA ALA B 89 1.90 6.06 9.23
C ALA B 89 1.42 5.14 10.32
N CYS B 90 0.29 4.47 10.10
CA CYS B 90 -0.32 3.55 11.08
C CYS B 90 0.62 2.37 11.39
N GLU B 91 1.28 1.85 10.35
CA GLU B 91 2.26 0.77 10.49
CA GLU B 91 2.23 0.76 10.53
C GLU B 91 3.44 1.20 11.35
N TYR B 92 3.96 2.40 11.07
CA TYR B 92 5.11 2.96 11.78
C TYR B 92 4.78 3.08 13.28
N LEU B 93 3.62 3.66 13.55
CA LEU B 93 3.13 3.87 14.92
C LEU B 93 3.10 2.56 15.69
N ASP B 94 2.55 1.52 15.07
CA ASP B 94 2.42 0.21 15.71
C ASP B 94 3.79 -0.43 15.99
N ASP B 95 4.72 -0.26 15.05
CA ASP B 95 6.07 -0.81 15.21
C ASP B 95 6.92 0.04 16.17
N ALA B 96 6.77 1.36 16.12
CA ALA B 96 7.64 2.27 16.86
C ALA B 96 7.24 2.47 18.33
N TYR B 97 5.97 2.29 18.67
CA TYR B 97 5.51 2.48 20.04
C TYR B 97 5.12 1.13 20.67
N PRO B 98 5.54 0.88 21.91
N PRO B 98 5.57 0.90 21.91
CA PRO B 98 5.55 -0.50 22.40
CA PRO B 98 5.29 -0.33 22.62
C PRO B 98 4.20 -1.10 22.77
C PRO B 98 3.87 -0.32 23.17
N GLY B 99 3.48 -0.44 23.69
N GLY B 99 3.60 -1.18 24.13
CA GLY B 99 2.26 -1.00 24.26
CA GLY B 99 2.24 -1.35 24.59
C GLY B 99 1.19 -1.28 23.22
C GLY B 99 1.39 -1.85 23.43
N ARG B 100 0.09 -1.89 23.67
CA ARG B 100 -0.90 -2.46 22.75
C ARG B 100 -0.55 -2.59 21.26
N LYS B 101 -0.01 -3.74 20.87
CA LYS B 101 0.23 -4.00 19.44
C LYS B 101 -1.11 -4.19 18.74
N LEU B 102 -1.33 -3.47 17.64
CA LEU B 102 -2.57 -3.59 16.87
C LEU B 102 -2.48 -4.64 15.75
N PHE B 103 -1.34 -4.74 15.07
CA PHE B 103 -1.19 -5.79 14.05
C PHE B 103 -0.99 -7.14 14.76
N PRO B 104 -1.50 -8.24 14.16
CA PRO B 104 -1.34 -9.55 14.81
C PRO B 104 0.09 -10.04 14.90
N TYR B 105 0.32 -11.04 15.75
CA TYR B 105 1.67 -11.56 16.00
C TYR B 105 2.15 -12.43 14.83
N ASP B 106 1.25 -13.25 14.31
CA ASP B 106 1.54 -14.18 13.22
C ASP B 106 1.87 -13.39 11.93
N PRO B 107 3.05 -13.63 11.32
CA PRO B 107 3.34 -12.98 10.02
C PRO B 107 2.28 -13.25 8.94
N TYR B 108 1.68 -14.43 8.95
CA TYR B 108 0.58 -14.73 8.01
C TYR B 108 -0.65 -13.86 8.26
N GLU B 109 -1.05 -13.74 9.53
CA GLU B 109 -2.20 -12.94 9.89
C GLU B 109 -1.95 -11.47 9.60
N ARG B 110 -0.73 -11.01 9.82
CA ARG B 110 -0.39 -9.64 9.44
C ARG B 110 -0.62 -9.46 7.93
N ALA B 111 -0.10 -10.39 7.13
CA ALA B 111 -0.27 -10.35 5.67
C ALA B 111 -1.75 -10.41 5.26
N ARG B 112 -2.54 -11.22 5.96
CA ARG B 112 -3.99 -11.33 5.67
C ARG B 112 -4.72 -10.00 5.91
N GLN B 113 -4.39 -9.30 6.99
CA GLN B 113 -4.95 -7.98 7.23
C GLN B 113 -4.59 -6.99 6.11
N LYS B 114 -3.38 -7.09 5.60
CA LYS B 114 -2.98 -6.22 4.47
C LYS B 114 -3.73 -6.60 3.18
N MET B 115 -4.01 -7.89 3.03
CA MET B 115 -4.80 -8.39 1.89
C MET B 115 -6.24 -7.92 1.98
N LEU B 116 -6.81 -7.95 3.19
CA LEU B 116 -8.13 -7.38 3.44
C LEU B 116 -8.20 -5.88 3.11
N LEU B 117 -7.14 -5.16 3.43
CA LEU B 117 -7.05 -3.73 3.15
C LEU B 117 -7.09 -3.48 1.63
N GLU B 118 -6.33 -4.25 0.86
CA GLU B 118 -6.43 -4.20 -0.62
C GLU B 118 -7.84 -4.49 -1.13
N LEU B 119 -8.51 -5.47 -0.53
CA LEU B 119 -9.86 -5.83 -0.92
C LEU B 119 -10.83 -4.64 -0.71
N PHE B 120 -10.52 -3.79 0.27
CA PHE B 120 -11.30 -2.60 0.62
C PHE B 120 -11.02 -1.37 -0.27
N SER B 121 -10.06 -1.46 -1.18
CA SER B 121 -9.51 -0.26 -1.84
C SER B 121 -10.48 0.61 -2.66
N LYS B 122 -11.59 0.05 -3.15
CA LYS B 122 -12.56 0.84 -3.91
C LYS B 122 -13.57 1.62 -3.04
N VAL B 123 -13.73 1.21 -1.79
CA VAL B 123 -14.79 1.76 -0.94
C VAL B 123 -14.65 3.27 -0.67
N PRO B 124 -13.44 3.74 -0.39
CA PRO B 124 -13.31 5.17 -0.08
C PRO B 124 -13.82 6.06 -1.22
N HIS B 125 -13.42 5.78 -2.46
CA HIS B 125 -13.87 6.58 -3.60
C HIS B 125 -15.36 6.37 -3.92
N LEU B 126 -15.87 5.15 -3.74
CA LEU B 126 -17.30 4.88 -3.94
C LEU B 126 -18.18 5.63 -2.92
N THR B 127 -17.78 5.64 -1.64
CA THR B 127 -18.54 6.39 -0.64
C THR B 127 -18.56 7.90 -0.95
N LYS B 128 -17.42 8.43 -1.36
CA LYS B 128 -17.27 9.84 -1.74
C LYS B 128 -18.10 10.21 -2.98
N GLU B 129 -18.09 9.33 -3.99
CA GLU B 129 -18.89 9.55 -5.19
C GLU B 129 -20.38 9.47 -4.89
N CYS B 130 -20.76 8.60 -3.95
CA CYS B 130 -22.17 8.48 -3.52
C CYS B 130 -22.64 9.77 -2.84
N LEU B 131 -21.82 10.28 -1.94
CA LEU B 131 -22.07 11.54 -1.25
C LEU B 131 -22.26 12.67 -2.26
N VAL B 132 -21.30 12.81 -3.17
CA VAL B 132 -21.33 13.85 -4.20
C VAL B 132 -22.53 13.68 -5.14
N ALA B 133 -22.86 12.43 -5.45
CA ALA B 133 -24.02 12.13 -6.31
C ALA B 133 -25.36 12.52 -5.66
N LEU B 134 -25.53 12.18 -4.39
CA LEU B 134 -26.76 12.49 -3.65
C LEU B 134 -26.92 13.98 -3.36
N ARG B 135 -25.80 14.66 -3.11
CA ARG B 135 -25.81 16.09 -2.80
C ARG B 135 -25.96 17.00 -4.02
N SER B 136 -25.66 16.47 -5.22
CA SER B 136 -25.84 17.22 -6.47
C SER B 136 -27.11 16.81 -7.21
N GLY B 137 -27.81 15.80 -6.69
CA GLY B 137 -29.01 15.27 -7.34
C GLY B 137 -28.73 14.41 -8.57
N ARG B 138 -27.49 13.94 -8.70
CA ARG B 138 -27.09 13.09 -9.83
C ARG B 138 -27.48 11.63 -9.57
N GLU B 139 -27.60 10.85 -10.63
CA GLU B 139 -27.95 9.43 -10.53
C GLU B 139 -26.94 8.67 -9.67
N SER B 140 -27.45 7.77 -8.82
CA SER B 140 -26.63 7.04 -7.86
C SER B 140 -26.94 5.54 -7.79
N THR B 141 -27.75 5.04 -8.72
CA THR B 141 -28.13 3.63 -8.74
C THR B 141 -26.92 2.73 -8.91
N ASN B 142 -26.06 3.08 -9.86
CA ASN B 142 -24.84 2.31 -10.13
C ASN B 142 -23.84 2.40 -9.00
N LEU B 143 -23.69 3.59 -8.42
CA LEU B 143 -22.74 3.79 -7.33
C LEU B 143 -23.11 2.98 -6.08
N LYS B 144 -24.39 2.95 -5.76
CA LYS B 144 -24.89 2.17 -4.61
C LYS B 144 -24.82 0.67 -4.86
N ALA B 145 -25.15 0.24 -6.07
CA ALA B 145 -25.02 -1.17 -6.42
C ALA B 145 -23.55 -1.59 -6.30
N ALA B 146 -22.64 -0.74 -6.78
CA ALA B 146 -21.20 -1.00 -6.67
C ALA B 146 -20.76 -1.09 -5.21
N LEU B 147 -21.21 -0.14 -4.39
CA LEU B 147 -20.84 -0.11 -2.99
C LEU B 147 -21.37 -1.34 -2.26
N ARG B 148 -22.62 -1.70 -2.55
CA ARG B 148 -23.23 -2.90 -1.98
C ARG B 148 -22.44 -4.17 -2.32
N GLN B 149 -21.90 -4.24 -3.54
CA GLN B 149 -21.07 -5.38 -3.92
C GLN B 149 -19.79 -5.44 -3.11
N GLU B 150 -19.13 -4.28 -2.93
CA GLU B 150 -17.91 -4.22 -2.11
C GLU B 150 -18.20 -4.65 -0.67
N PHE B 151 -19.33 -4.20 -0.14
CA PHE B 151 -19.76 -4.61 1.21
C PHE B 151 -20.14 -6.10 1.30
N SER B 152 -20.68 -6.67 0.22
CA SER B 152 -20.93 -8.11 0.20
C SER B 152 -19.63 -8.92 0.27
N ASN B 153 -18.58 -8.42 -0.39
CA ASN B 153 -17.24 -9.03 -0.30
C ASN B 153 -16.72 -9.03 1.15
N LEU B 154 -16.93 -7.94 1.88
CA LEU B 154 -16.55 -7.88 3.30
C LEU B 154 -17.44 -8.77 4.18
N GLU B 155 -18.74 -8.80 3.89
CA GLU B 155 -19.69 -9.62 4.63
C GLU B 155 -19.33 -11.10 4.53
N GLU B 156 -18.88 -11.54 3.35
CA GLU B 156 -18.48 -12.94 3.15
C GLU B 156 -17.32 -13.32 4.05
N ILE B 157 -16.37 -12.41 4.22
CA ILE B 157 -15.23 -12.63 5.10
C ILE B 157 -15.70 -12.83 6.55
N LEU B 158 -16.49 -11.89 7.06
CA LEU B 158 -17.01 -12.00 8.44
C LEU B 158 -17.83 -13.28 8.65
N GLU B 159 -18.71 -13.61 7.71
CA GLU B 159 -19.55 -14.80 7.84
C GLU B 159 -18.72 -16.09 7.82
N TYR B 160 -17.74 -16.14 6.93
CA TYR B 160 -16.90 -17.31 6.79
C TYR B 160 -16.04 -17.53 8.05
N GLN B 161 -15.48 -16.45 8.59
CA GLN B 161 -14.66 -16.48 9.80
C GLN B 161 -15.47 -16.69 11.08
N ASN B 162 -16.73 -16.23 11.08
CA ASN B 162 -17.58 -16.29 12.28
C ASN B 162 -16.92 -15.61 13.48
N THR B 163 -16.37 -14.43 13.22
CA THR B 163 -15.85 -13.55 14.25
C THR B 163 -16.48 -12.18 14.06
N THR B 164 -16.63 -11.47 15.17
CA THR B 164 -17.19 -10.11 15.17
C THR B 164 -16.34 -9.11 14.39
N PHE B 165 -15.02 -9.18 14.55
CA PHE B 165 -14.08 -8.26 13.91
C PHE B 165 -13.36 -8.94 12.74
N PHE B 166 -12.71 -8.14 11.89
CA PHE B 166 -12.05 -8.66 10.69
C PHE B 166 -10.80 -9.47 11.00
N GLY B 167 -10.15 -9.16 12.11
CA GLY B 167 -8.95 -9.86 12.55
C GLY B 167 -9.22 -10.94 13.59
N GLY B 168 -10.43 -10.96 14.16
CA GLY B 168 -10.81 -11.99 15.13
C GLY B 168 -11.87 -11.56 16.14
N THR B 169 -11.81 -12.10 17.35
CA THR B 169 -12.76 -11.75 18.41
C THR B 169 -12.52 -10.36 19.00
N SER B 170 -11.28 -9.88 18.92
CA SER B 170 -10.92 -8.57 19.45
C SER B 170 -10.55 -7.59 18.32
N ILE B 171 -10.81 -6.31 18.56
CA ILE B 171 -10.53 -5.27 17.58
C ILE B 171 -9.02 -5.28 17.30
N SER B 172 -8.62 -5.05 16.04
CA SER B 172 -7.20 -4.98 15.70
C SER B 172 -6.97 -3.95 14.59
N MET B 173 -5.73 -3.84 14.10
CA MET B 173 -5.35 -2.80 13.13
C MET B 173 -6.31 -2.69 11.94
N ILE B 174 -6.63 -3.82 11.31
CA ILE B 174 -7.52 -3.80 10.15
C ILE B 174 -8.86 -3.09 10.41
N ASP B 175 -9.46 -3.32 11.57
CA ASP B 175 -10.75 -2.71 11.88
C ASP B 175 -10.63 -1.18 11.89
N TYR B 176 -9.57 -0.67 12.52
CA TYR B 176 -9.35 0.77 12.61
C TYR B 176 -9.08 1.36 11.21
N LEU B 177 -8.38 0.62 10.36
CA LEU B 177 -8.10 1.07 8.99
C LEU B 177 -9.38 1.21 8.14
N LEU B 178 -10.40 0.40 8.41
CA LEU B 178 -11.65 0.44 7.64
C LEU B 178 -12.67 1.42 8.24
N TRP B 179 -12.58 1.64 9.55
CA TRP B 179 -13.66 2.32 10.26
C TRP B 179 -14.12 3.69 9.74
N PRO B 180 -13.19 4.62 9.41
CA PRO B 180 -13.65 5.99 9.09
C PRO B 180 -14.80 6.06 8.07
N TRP B 181 -14.74 5.23 7.05
CA TRP B 181 -15.74 5.24 5.98
C TRP B 181 -17.08 4.66 6.41
N PHE B 182 -17.05 3.69 7.30
CA PHE B 182 -18.28 3.15 7.88
C PHE B 182 -18.96 4.13 8.84
N GLU B 183 -18.17 4.89 9.60
CA GLU B 183 -18.75 5.90 10.48
C GLU B 183 -19.53 6.91 9.68
N ARG B 184 -19.06 7.17 8.46
CA ARG B 184 -19.61 8.19 7.60
C ARG B 184 -20.89 7.79 6.86
N LEU B 185 -21.22 6.50 6.82
CA LEU B 185 -22.40 6.04 6.07
C LEU B 185 -23.66 6.78 6.47
N ASP B 186 -23.86 6.94 7.77
CA ASP B 186 -25.00 7.67 8.31
C ASP B 186 -25.14 9.08 7.72
N VAL B 187 -24.14 9.93 7.98
CA VAL B 187 -24.13 11.32 7.52
C VAL B 187 -24.18 11.44 6.00
N TYR B 188 -23.57 10.48 5.30
CA TYR B 188 -23.57 10.46 3.84
C TYR B 188 -24.94 10.08 3.26
N GLY B 189 -25.81 9.48 4.07
CA GLY B 189 -27.14 9.06 3.63
C GLY B 189 -27.17 7.71 2.92
N ILE B 190 -26.18 6.87 3.21
CA ILE B 190 -26.01 5.58 2.54
C ILE B 190 -25.93 4.40 3.53
N LEU B 191 -26.59 4.53 4.68
CA LEU B 191 -26.67 3.42 5.65
C LEU B 191 -27.47 2.25 5.06
N ASP B 192 -28.37 2.55 4.13
CA ASP B 192 -29.10 1.50 3.40
C ASP B 192 -28.19 0.53 2.62
N CYS B 193 -26.94 0.92 2.37
CA CYS B 193 -26.00 0.06 1.65
C CYS B 193 -25.46 -1.12 2.49
N VAL B 194 -25.76 -1.14 3.79
CA VAL B 194 -25.45 -2.32 4.61
C VAL B 194 -26.72 -3.08 5.04
N SER B 195 -27.85 -2.79 4.41
CA SER B 195 -29.14 -3.45 4.72
C SER B 195 -29.19 -4.94 4.34
N HIS B 196 -28.26 -5.39 3.52
CA HIS B 196 -28.21 -6.76 3.01
C HIS B 196 -27.07 -7.56 3.67
N THR B 197 -26.32 -6.93 4.58
CA THR B 197 -25.10 -7.49 5.17
C THR B 197 -25.16 -7.50 6.71
N PRO B 198 -25.76 -8.54 7.31
CA PRO B 198 -26.00 -8.51 8.76
C PRO B 198 -24.76 -8.56 9.63
N ALA B 199 -23.75 -9.34 9.26
CA ALA B 199 -22.54 -9.40 10.06
C ALA B 199 -21.81 -8.07 10.08
N LEU B 200 -21.81 -7.35 8.94
CA LEU B 200 -21.24 -6.01 8.87
C LEU B 200 -21.94 -5.02 9.81
N ARG B 201 -23.26 -5.14 9.95
CA ARG B 201 -24.03 -4.26 10.83
C ARG B 201 -23.67 -4.54 12.30
N LEU B 202 -23.42 -5.81 12.60
CA LEU B 202 -22.96 -6.19 13.94
C LEU B 202 -21.57 -5.60 14.19
N TRP B 203 -20.70 -5.65 13.18
CA TRP B 203 -19.36 -5.06 13.27
C TRP B 203 -19.42 -3.55 13.51
N ILE B 204 -20.30 -2.83 12.81
CA ILE B 204 -20.44 -1.39 13.06
C ILE B 204 -20.76 -1.10 14.55
N SER B 205 -21.69 -1.86 15.09
CA SER B 205 -22.09 -1.71 16.50
C SER B 205 -20.90 -2.00 17.43
N ALA B 206 -20.21 -3.11 17.18
CA ALA B 206 -19.01 -3.49 17.95
C ALA B 206 -17.94 -2.42 17.90
N MET B 207 -17.73 -1.81 16.74
CA MET B 207 -16.79 -0.71 16.61
C MET B 207 -17.21 0.51 17.43
N LYS B 208 -18.48 0.87 17.37
CA LYS B 208 -18.98 2.02 18.13
C LYS B 208 -18.78 1.86 19.63
N TRP B 209 -18.79 0.62 20.12
CA TRP B 209 -18.57 0.32 21.55
CA TRP B 209 -18.57 0.32 21.55
C TRP B 209 -17.08 0.36 21.92
N ASP B 210 -16.20 0.39 20.93
CA ASP B 210 -14.76 0.43 21.21
C ASP B 210 -14.44 1.77 21.86
N PRO B 211 -13.70 1.75 22.99
CA PRO B 211 -13.41 3.02 23.62
C PRO B 211 -12.68 4.04 22.72
N THR B 212 -11.78 3.59 21.84
CA THR B 212 -11.05 4.52 20.97
C THR B 212 -11.98 5.11 19.91
N VAL B 213 -12.76 4.24 19.27
CA VAL B 213 -13.70 4.67 18.24
C VAL B 213 -14.66 5.66 18.85
N SER B 214 -15.26 5.28 19.97
CA SER B 214 -16.19 6.12 20.70
C SER B 214 -15.62 7.49 21.05
N ALA B 215 -14.37 7.52 21.50
CA ALA B 215 -13.73 8.79 21.84
C ALA B 215 -13.53 9.73 20.64
N LEU B 216 -13.42 9.16 19.43
CA LEU B 216 -13.17 9.96 18.22
C LEU B 216 -14.39 10.19 17.30
N LEU B 217 -15.56 9.73 17.72
CA LEU B 217 -16.78 9.84 16.90
C LEU B 217 -17.05 11.30 16.56
N MET B 218 -17.29 11.57 15.28
CA MET B 218 -17.61 12.93 14.83
C MET B 218 -18.93 13.41 15.42
N ASP B 219 -19.07 14.72 15.59
CA ASP B 219 -20.35 15.32 15.92
C ASP B 219 -21.18 15.34 14.63
N LYS B 220 -22.30 14.61 14.62
CA LYS B 220 -23.10 14.47 13.40
C LYS B 220 -23.57 15.81 12.88
N SER B 221 -24.09 16.67 13.75
CA SER B 221 -24.67 17.95 13.34
C SER B 221 -23.62 18.90 12.76
N ILE B 222 -22.44 18.95 13.39
CA ILE B 222 -21.33 19.78 12.88
C ILE B 222 -20.80 19.25 11.55
N PHE B 223 -20.77 17.93 11.41
CA PHE B 223 -20.33 17.31 10.16
C PHE B 223 -21.31 17.65 9.02
N GLN B 224 -22.61 17.55 9.28
CA GLN B 224 -23.61 17.95 8.29
C GLN B 224 -23.45 19.42 7.90
N GLY B 225 -23.17 20.28 8.87
CA GLY B 225 -22.89 21.69 8.61
C GLY B 225 -21.66 21.92 7.75
N PHE B 226 -20.62 21.11 7.96
CA PHE B 226 -19.43 21.15 7.10
C PHE B 226 -19.78 20.79 5.66
N LEU B 227 -20.49 19.68 5.48
CA LEU B 227 -20.89 19.23 4.15
C LEU B 227 -21.79 20.23 3.43
N ASN B 228 -22.65 20.92 4.16
CA ASN B 228 -23.52 21.94 3.57
C ASN B 228 -22.76 23.12 2.95
N LEU B 229 -21.71 23.59 3.60
CA LEU B 229 -20.87 24.67 3.05
C LEU B 229 -19.90 24.14 1.99
N TYR B 230 -19.40 22.93 2.18
CA TYR B 230 -18.53 22.28 1.20
C TYR B 230 -19.20 22.17 -0.17
N PHE B 231 -20.44 21.69 -0.19
CA PHE B 231 -21.16 21.49 -1.46
C PHE B 231 -21.70 22.78 -2.08
N GLN B 232 -21.73 23.86 -1.30
CA GLN B 232 -21.99 25.21 -1.83
C GLN B 232 -20.70 25.89 -2.33
N ASN B 233 -19.59 25.15 -2.36
CA ASN B 233 -18.31 25.67 -2.83
C ASN B 233 -17.81 26.87 -2.01
N ASN B 234 -18.05 26.83 -0.70
CA ASN B 234 -17.69 27.91 0.20
C ASN B 234 -16.32 27.62 0.83
N PRO B 235 -15.33 28.53 0.65
CA PRO B 235 -14.00 28.32 1.26
C PRO B 235 -14.02 28.19 2.79
N ASN B 236 -14.98 28.84 3.45
CA ASN B 236 -15.12 28.81 4.91
C ASN B 236 -15.36 27.41 5.48
N ALA B 237 -15.81 26.47 4.63
CA ALA B 237 -16.01 25.08 5.03
C ALA B 237 -14.77 24.42 5.64
N PHE B 238 -13.58 24.90 5.27
CA PHE B 238 -12.33 24.27 5.72
C PHE B 238 -11.61 25.02 6.87
N ASP B 239 -12.27 26.03 7.44
CA ASP B 239 -11.69 26.84 8.53
C ASP B 239 -12.09 26.35 9.92
N1 GSH C . -0.19 -5.22 -7.78
CA1 GSH C . 0.32 -6.54 -8.11
C1 GSH C . 1.65 -6.71 -7.44
O11 GSH C . 2.14 -5.79 -6.76
O12 GSH C . 2.27 -7.77 -7.49
CB1 GSH C . 0.36 -6.69 -9.64
CG1 GSH C . 0.60 -8.12 -10.15
CD1 GSH C . 0.40 -8.15 -11.67
OE1 GSH C . -0.39 -7.18 -12.31
N2 GSH C . 1.03 -9.12 -12.35
CA2 GSH C . 0.76 -9.34 -13.76
C2 GSH C . -0.56 -10.05 -13.93
O2 GSH C . -1.08 -10.85 -12.89
CB2 GSH C . 1.87 -10.15 -14.41
SG2 GSH C . 3.50 -9.32 -14.38
N3 GSH C . -1.20 -9.87 -15.10
CA3 GSH C . -2.11 -10.87 -15.62
C3 GSH C . -3.57 -10.48 -15.48
O31 GSH C . -4.46 -11.34 -15.50
O32 GSH C . -3.89 -9.28 -15.34
CL CL D . 25.08 -1.12 -15.65
N1 GSH E . -3.58 7.36 -0.06
CA1 GSH E . -3.58 8.39 0.97
C1 GSH E . -3.74 7.78 2.35
O11 GSH E . -4.11 6.62 2.52
O12 GSH E . -3.49 8.46 3.36
CB1 GSH E . -4.68 9.40 0.66
CG1 GSH E . -4.75 10.57 1.65
CD1 GSH E . -5.69 11.65 1.13
OE1 GSH E . -6.14 11.62 -0.20
N2 GSH E . -6.06 12.61 1.97
CA2 GSH E . -6.87 13.72 1.51
C2 GSH E . -5.99 14.76 0.88
O2 GSH E . -4.62 14.80 1.25
CB2 GSH E . -7.68 14.34 2.65
SG2 GSH E . -9.00 13.27 3.30
N3 GSH E . -6.55 15.56 -0.02
CA3 GSH E . -6.08 16.93 -0.20
C3 GSH E . -6.52 17.52 -1.52
O31 GSH E . -7.28 16.87 -2.30
O32 GSH E . -6.14 18.66 -1.86
CL CL F . -24.73 0.56 15.10
#